data_3DNV
#
_entry.id   3DNV
#
_cell.length_a   166.340
_cell.length_b   166.340
_cell.length_c   62.090
_cell.angle_alpha   90.00
_cell.angle_beta   90.00
_cell.angle_gamma   90.00
#
_symmetry.space_group_name_H-M   'P 4 2 2'
#
loop_
_entity.id
_entity.type
_entity.pdbx_description
1 polymer 'Protein hipA'
2 polymer 'HTH-type transcriptional regulator hipB'
3 polymer "DNA (5'-D(*DAP*DCP*DTP*DAP*DTP*DCP*DCP*DCP*DCP*DTP*DTP*DAP*DAP*DGP*DGP*DGP*DGP*DAP*DTP*DAP*DG)-3')"
4 non-polymer 'SULFATE ION'
5 water water
#
loop_
_entity_poly.entity_id
_entity_poly.type
_entity_poly.pdbx_seq_one_letter_code
_entity_poly.pdbx_strand_id
1 'polypeptide(L)'
;MPKLVTWMNNQRVGELTKLANGAHTFKYAPEWLASRYARPLSLSLPLQRGNITSDAVFNFFDNLLPDSPIVRDRIVKRYH
AKSRQPFDLLSEIGRDSVGAVTLIPEDETVTHPIMAWEKLTEARLEEVLTAYKADIPLGMIREENDFRISVAGAQEKTAL
LRIGNDWCIPKGITPTTHIIKLPIGEIRQPNATLDLSQSVDNEYYCLLLAKELGLNVPDAEIIKAGNVRALAVERFDRRW
NAERTVLLRLPQEDMCQTFGLPSSVKYESDGGPGIARIMAFL(MSE)GSSEALKDRYDFMKFQVFQWLIGATQGHAKNFS
VFIQAGGSYRLTPFYDIISAFPVLGGTGIHISDLKLAMGLNASKGKKTAIDKIYPRHFLATAKVLRFPEVQMHEILSDFA
R(MSE)IPAALDNVKTSLPTDFPENVVTAVESNVLRLHGRLSREYGSK
;
A
2 'polypeptide(L)'
;MMSFQKIYSPTQLANAMKLVRQQNGWTQSELAKKIGIKQATISNFENNPDNTTLTTFFKILQSLELSMTLCDAKNASPES
TEQQNLEW
;
B
3 'polydeoxyribonucleotide'
;(DA)(DC)(DT)(DA)(DT)(DC)(DC)(DC)(DC)(DT)(DT)(DA)(DA)(DG)(DG)(DG)(DG)(DA)(DT)(DA)
(DG)
;
T
#
# COMPACT_ATOMS: atom_id res chain seq x y z
N PRO A 2 -15.68 15.45 -18.83
CA PRO A 2 -16.70 14.58 -18.20
C PRO A 2 -16.20 13.99 -16.88
N LYS A 3 -16.89 14.33 -15.79
CA LYS A 3 -16.57 13.87 -14.45
C LYS A 3 -16.43 12.35 -14.35
N LEU A 4 -15.58 11.90 -13.46
CA LEU A 4 -15.39 10.47 -13.24
C LEU A 4 -16.05 10.10 -11.91
N VAL A 5 -17.12 9.32 -11.98
CA VAL A 5 -17.81 8.92 -10.77
C VAL A 5 -16.96 7.87 -10.08
N THR A 6 -16.64 8.11 -8.82
CA THR A 6 -15.83 7.18 -8.03
C THR A 6 -16.72 6.22 -7.22
N TRP A 7 -16.61 4.94 -7.52
CA TRP A 7 -17.38 3.93 -6.83
C TRP A 7 -16.45 3.07 -5.99
N MET A 8 -17.02 2.45 -4.97
CA MET A 8 -16.26 1.59 -4.09
C MET A 8 -17.20 0.44 -3.71
N ASN A 9 -17.11 -0.66 -4.45
CA ASN A 9 -17.96 -1.82 -4.23
C ASN A 9 -19.42 -1.43 -4.50
N ASN A 10 -19.63 -0.79 -5.64
CA ASN A 10 -20.96 -0.36 -6.04
C ASN A 10 -21.60 0.64 -5.11
N GLN A 11 -20.78 1.49 -4.50
CA GLN A 11 -21.27 2.53 -3.63
C GLN A 11 -20.67 3.86 -4.05
N ARG A 12 -21.52 4.81 -4.40
CA ARG A 12 -21.06 6.11 -4.83
C ARG A 12 -20.34 6.83 -3.71
N VAL A 13 -19.05 7.09 -3.91
CA VAL A 13 -18.24 7.78 -2.92
C VAL A 13 -18.19 9.24 -3.31
N GLY A 14 -18.06 9.49 -4.61
CA GLY A 14 -17.98 10.86 -5.08
C GLY A 14 -17.61 10.99 -6.55
N GLU A 15 -17.08 12.14 -6.93
CA GLU A 15 -16.70 12.40 -8.30
C GLU A 15 -15.36 13.10 -8.47
N LEU A 16 -14.65 12.74 -9.54
CA LEU A 16 -13.38 13.36 -9.87
C LEU A 16 -13.68 14.31 -11.03
N THR A 17 -13.24 15.55 -10.91
CA THR A 17 -13.49 16.55 -11.92
C THR A 17 -12.19 17.15 -12.42
N LYS A 18 -12.07 17.34 -13.73
CA LYS A 18 -10.89 17.96 -14.32
C LYS A 18 -11.36 19.24 -14.98
N LEU A 19 -11.14 20.36 -14.31
CA LEU A 19 -11.55 21.66 -14.81
C LEU A 19 -10.82 22.06 -16.10
N ALA A 20 -11.26 23.17 -16.70
CA ALA A 20 -10.67 23.66 -17.96
C ALA A 20 -9.19 23.95 -17.77
N ASN A 21 -8.87 24.65 -16.68
CA ASN A 21 -7.47 24.97 -16.39
C ASN A 21 -6.69 23.70 -16.07
N GLY A 22 -7.35 22.55 -16.21
CA GLY A 22 -6.72 21.27 -15.95
C GLY A 22 -6.47 20.97 -14.49
N ALA A 23 -7.25 21.59 -13.60
CA ALA A 23 -7.11 21.37 -12.17
C ALA A 23 -7.98 20.21 -11.75
N HIS A 24 -7.37 19.23 -11.10
CA HIS A 24 -8.11 18.07 -10.63
C HIS A 24 -8.73 18.40 -9.29
N THR A 25 -10.01 18.06 -9.13
CA THR A 25 -10.73 18.30 -7.88
C THR A 25 -11.58 17.09 -7.59
N PHE A 26 -11.95 16.92 -6.33
CA PHE A 26 -12.78 15.81 -5.91
C PHE A 26 -13.82 16.28 -4.91
N LYS A 27 -15.00 15.69 -4.92
CA LYS A 27 -16.04 16.09 -3.98
C LYS A 27 -16.80 14.88 -3.49
N TYR A 28 -16.80 14.69 -2.17
CA TYR A 28 -17.50 13.57 -1.59
C TYR A 28 -19.02 13.72 -1.76
N ALA A 29 -19.64 12.59 -2.06
CA ALA A 29 -21.08 12.55 -2.26
C ALA A 29 -21.74 12.62 -0.89
N PRO A 30 -22.65 13.58 -0.69
CA PRO A 30 -23.32 13.72 0.59
C PRO A 30 -23.84 12.38 1.10
N GLU A 31 -24.37 11.57 0.19
CA GLU A 31 -24.88 10.26 0.56
C GLU A 31 -23.75 9.39 1.13
N TRP A 32 -22.53 9.56 0.62
CA TRP A 32 -21.41 8.78 1.10
C TRP A 32 -20.98 9.28 2.47
N LEU A 33 -20.97 10.60 2.64
CA LEU A 33 -20.59 11.19 3.90
C LEU A 33 -21.46 10.68 5.03
N ALA A 34 -22.65 10.23 4.68
CA ALA A 34 -23.57 9.72 5.68
C ALA A 34 -23.64 8.19 5.68
N SER A 35 -23.06 7.56 4.66
CA SER A 35 -23.07 6.11 4.55
C SER A 35 -22.53 5.37 5.76
N ARG A 36 -22.93 4.12 5.90
CA ARG A 36 -22.46 3.29 6.99
C ARG A 36 -21.00 2.99 6.72
N TYR A 37 -20.69 2.71 5.45
CA TYR A 37 -19.34 2.39 5.02
C TYR A 37 -18.43 3.59 4.88
N ALA A 38 -18.98 4.78 5.13
CA ALA A 38 -18.22 6.02 4.99
C ALA A 38 -16.78 5.99 5.52
N ARG A 39 -15.87 6.45 4.68
CA ARG A 39 -14.47 6.55 5.02
C ARG A 39 -13.83 7.33 3.88
N PRO A 40 -12.71 7.99 4.14
CA PRO A 40 -12.05 8.75 3.10
C PRO A 40 -11.49 7.82 2.03
N LEU A 41 -11.39 8.34 0.81
CA LEU A 41 -10.86 7.58 -0.31
C LEU A 41 -9.39 7.31 0.02
N SER A 42 -8.78 8.31 0.62
CA SER A 42 -7.38 8.26 1.01
C SER A 42 -7.21 9.16 2.25
N LEU A 43 -6.40 8.72 3.20
CA LEU A 43 -6.18 9.53 4.38
C LEU A 43 -5.72 10.93 4.02
N SER A 44 -5.10 11.08 2.84
CA SER A 44 -4.66 12.41 2.41
C SER A 44 -5.87 13.25 1.95
N LEU A 45 -7.02 12.61 1.80
CA LEU A 45 -8.25 13.31 1.40
C LEU A 45 -9.39 13.12 2.42
N PRO A 46 -9.21 13.63 3.65
CA PRO A 46 -10.25 13.47 4.68
C PRO A 46 -11.65 13.96 4.28
N LEU A 47 -12.66 13.18 4.66
CA LEU A 47 -14.05 13.50 4.37
C LEU A 47 -14.41 14.91 4.80
N GLN A 48 -14.97 15.66 3.87
CA GLN A 48 -15.39 17.02 4.11
C GLN A 48 -16.42 17.34 3.03
N ARG A 49 -17.06 18.49 3.17
CA ARG A 49 -18.12 18.88 2.25
C ARG A 49 -17.81 19.48 0.89
N GLY A 50 -16.94 20.47 0.84
CA GLY A 50 -16.66 21.12 -0.44
C GLY A 50 -15.92 20.35 -1.51
N ASN A 51 -15.37 21.10 -2.46
CA ASN A 51 -14.59 20.55 -3.54
C ASN A 51 -13.18 20.51 -3.00
N ILE A 52 -12.51 19.37 -3.05
CA ILE A 52 -11.14 19.31 -2.55
C ILE A 52 -10.27 19.72 -3.75
N THR A 53 -9.39 20.69 -3.56
CA THR A 53 -8.56 21.17 -4.66
C THR A 53 -7.05 21.02 -4.50
N SER A 54 -6.59 20.58 -3.33
CA SER A 54 -5.16 20.42 -3.05
C SER A 54 -4.53 19.37 -3.97
N ASP A 55 -3.20 19.36 -4.05
CA ASP A 55 -2.51 18.40 -4.92
C ASP A 55 -2.69 16.94 -4.52
N ALA A 56 -3.17 16.72 -3.30
CA ALA A 56 -3.35 15.35 -2.82
C ALA A 56 -4.36 14.65 -3.73
N VAL A 57 -5.28 15.44 -4.27
CA VAL A 57 -6.30 14.89 -5.16
C VAL A 57 -5.63 14.29 -6.39
N PHE A 58 -4.76 15.10 -6.99
CA PHE A 58 -4.05 14.69 -8.19
C PHE A 58 -3.09 13.56 -7.88
N ASN A 59 -2.30 13.74 -6.83
CA ASN A 59 -1.35 12.71 -6.45
C ASN A 59 -2.03 11.39 -6.12
N PHE A 60 -3.14 11.45 -5.38
CA PHE A 60 -3.82 10.22 -5.04
C PHE A 60 -4.15 9.39 -6.27
N PHE A 61 -4.88 9.99 -7.21
CA PHE A 61 -5.27 9.27 -8.42
C PHE A 61 -4.10 8.93 -9.32
N ASP A 62 -3.10 9.80 -9.35
CA ASP A 62 -1.93 9.54 -10.16
C ASP A 62 -1.23 8.28 -9.69
N ASN A 63 -1.25 8.06 -8.37
CA ASN A 63 -0.62 6.89 -7.76
C ASN A 63 -1.33 5.57 -8.03
N LEU A 64 -2.42 5.61 -8.79
CA LEU A 64 -3.15 4.38 -9.11
C LEU A 64 -2.62 3.81 -10.43
N LEU A 65 -1.94 4.66 -11.19
CA LEU A 65 -1.38 4.27 -12.47
C LEU A 65 0.09 3.94 -12.34
N PRO A 66 0.62 3.14 -13.29
CA PRO A 66 2.02 2.71 -13.32
C PRO A 66 2.97 3.90 -13.24
N ASP A 67 4.15 3.64 -12.68
CA ASP A 67 5.18 4.66 -12.52
C ASP A 67 5.85 5.10 -13.82
N SER A 68 6.27 4.13 -14.63
CA SER A 68 6.96 4.41 -15.89
C SER A 68 6.17 5.21 -16.94
N PRO A 69 6.70 6.39 -17.32
CA PRO A 69 6.07 7.26 -18.33
C PRO A 69 6.00 6.56 -19.68
N ILE A 70 6.82 5.52 -19.84
CA ILE A 70 6.85 4.77 -21.09
C ILE A 70 5.63 3.84 -21.08
N VAL A 71 5.38 3.18 -19.95
CA VAL A 71 4.24 2.27 -19.84
C VAL A 71 2.93 3.00 -20.10
N ARG A 72 2.80 4.21 -19.55
CA ARG A 72 1.58 4.96 -19.75
C ARG A 72 1.31 5.12 -21.23
N ASP A 73 2.37 5.22 -22.01
CA ASP A 73 2.23 5.35 -23.44
C ASP A 73 1.59 4.07 -23.97
N ARG A 74 2.03 2.93 -23.44
CA ARG A 74 1.47 1.65 -23.85
C ARG A 74 -0.02 1.61 -23.58
N ILE A 75 -0.47 2.42 -22.62
CA ILE A 75 -1.88 2.49 -22.28
C ILE A 75 -2.65 3.42 -23.23
N VAL A 76 -2.06 4.59 -23.50
CA VAL A 76 -2.67 5.56 -24.40
C VAL A 76 -2.82 4.91 -25.78
N LYS A 77 -1.89 4.02 -26.09
CA LYS A 77 -1.87 3.29 -27.35
C LYS A 77 -3.03 2.29 -27.39
N ARG A 78 -3.03 1.35 -26.46
CA ARG A 78 -4.07 0.31 -26.38
C ARG A 78 -5.49 0.89 -26.34
N TYR A 79 -5.87 1.48 -25.22
CA TYR A 79 -7.21 2.04 -25.10
C TYR A 79 -7.28 3.50 -25.53
N HIS A 80 -6.76 3.80 -26.72
CA HIS A 80 -6.75 5.16 -27.28
C HIS A 80 -7.15 6.27 -26.31
N ALA A 81 -6.20 6.70 -25.49
CA ALA A 81 -6.45 7.75 -24.51
C ALA A 81 -6.22 9.14 -25.10
N LYS A 82 -6.88 10.14 -24.51
CA LYS A 82 -6.75 11.51 -25.01
C LYS A 82 -5.50 12.17 -24.46
N SER A 83 -4.72 11.44 -23.68
CA SER A 83 -3.51 11.97 -23.08
C SER A 83 -2.89 10.99 -22.09
N ARG A 84 -1.65 11.24 -21.69
CA ARG A 84 -0.96 10.41 -20.71
C ARG A 84 -1.35 10.97 -19.34
N GLN A 85 -2.24 11.97 -19.37
CA GLN A 85 -2.73 12.61 -18.15
C GLN A 85 -3.43 11.57 -17.28
N PRO A 86 -3.26 11.65 -15.95
CA PRO A 86 -3.91 10.69 -15.08
C PRO A 86 -5.40 10.53 -15.38
N PHE A 87 -6.13 11.65 -15.40
CA PHE A 87 -7.57 11.66 -15.63
C PHE A 87 -8.01 10.96 -16.91
N ASP A 88 -7.34 11.27 -18.01
CA ASP A 88 -7.68 10.67 -19.29
C ASP A 88 -7.42 9.17 -19.30
N LEU A 89 -6.27 8.76 -18.76
CA LEU A 89 -5.92 7.35 -18.69
C LEU A 89 -6.94 6.60 -17.83
N LEU A 90 -7.15 7.11 -16.62
CA LEU A 90 -8.09 6.51 -15.68
C LEU A 90 -9.49 6.37 -16.26
N SER A 91 -9.82 7.21 -17.25
CA SER A 91 -11.13 7.13 -17.89
C SER A 91 -11.22 5.92 -18.82
N GLU A 92 -10.09 5.25 -19.01
CA GLU A 92 -10.02 4.07 -19.86
C GLU A 92 -9.93 2.78 -19.08
N ILE A 93 -8.95 2.70 -18.18
CA ILE A 93 -8.76 1.50 -17.40
C ILE A 93 -9.15 1.69 -15.93
N GLY A 94 -10.00 2.68 -15.68
CA GLY A 94 -10.43 2.98 -14.33
C GLY A 94 -11.20 1.92 -13.55
N ARG A 95 -11.62 0.85 -14.23
CA ARG A 95 -12.38 -0.22 -13.58
C ARG A 95 -11.70 -0.97 -12.42
N ASP A 96 -10.79 -1.90 -12.74
CA ASP A 96 -10.10 -2.64 -11.67
C ASP A 96 -8.75 -2.01 -11.34
N SER A 97 -8.78 -0.92 -10.57
CA SER A 97 -7.57 -0.24 -10.15
C SER A 97 -7.14 -0.85 -8.81
N VAL A 98 -5.91 -0.59 -8.38
CA VAL A 98 -5.44 -1.13 -7.11
C VAL A 98 -6.34 -0.58 -5.99
N GLY A 99 -6.19 -1.13 -4.78
CA GLY A 99 -7.02 -0.67 -3.68
C GLY A 99 -8.45 -1.15 -3.86
N ALA A 100 -9.38 -0.21 -4.05
CA ALA A 100 -10.77 -0.60 -4.23
C ALA A 100 -11.63 0.44 -4.92
N VAL A 101 -11.01 1.38 -5.64
CA VAL A 101 -11.80 2.39 -6.34
C VAL A 101 -12.12 1.94 -7.75
N THR A 102 -13.30 2.32 -8.21
CA THR A 102 -13.75 1.99 -9.54
C THR A 102 -14.20 3.28 -10.19
N LEU A 103 -13.33 3.83 -11.03
CA LEU A 103 -13.60 5.09 -11.73
C LEU A 103 -14.32 4.88 -13.06
N ILE A 104 -15.58 5.29 -13.10
CA ILE A 104 -16.39 5.16 -14.31
C ILE A 104 -16.91 6.52 -14.72
N PRO A 105 -16.71 6.90 -15.99
CA PRO A 105 -17.16 8.19 -16.51
C PRO A 105 -18.61 8.52 -16.12
N GLU A 106 -18.89 9.80 -15.88
CA GLU A 106 -20.21 10.28 -15.48
C GLU A 106 -21.28 9.80 -16.47
N ASP A 107 -20.97 9.95 -17.74
CA ASP A 107 -21.82 9.56 -18.85
C ASP A 107 -21.48 8.11 -19.20
N GLU A 108 -21.89 7.18 -18.35
CA GLU A 108 -21.56 5.78 -18.62
C GLU A 108 -22.04 4.82 -17.54
N THR A 109 -23.34 4.83 -17.27
CA THR A 109 -23.88 3.90 -16.27
C THR A 109 -23.50 2.52 -16.80
N VAL A 110 -23.92 2.27 -18.05
CA VAL A 110 -23.67 1.03 -18.76
C VAL A 110 -23.41 -0.14 -17.82
N THR A 111 -24.38 -0.41 -16.94
CA THR A 111 -24.25 -1.49 -15.97
C THR A 111 -23.37 -2.60 -16.53
N HIS A 112 -22.16 -2.69 -16.00
CA HIS A 112 -21.21 -3.70 -16.44
C HIS A 112 -21.40 -4.94 -15.59
N PRO A 113 -21.20 -6.13 -16.18
CA PRO A 113 -21.36 -7.39 -15.43
C PRO A 113 -20.61 -7.33 -14.10
N ILE A 114 -21.33 -7.55 -13.01
CA ILE A 114 -20.73 -7.51 -11.68
C ILE A 114 -19.86 -8.73 -11.44
N MET A 115 -20.34 -9.89 -11.87
CA MET A 115 -19.59 -11.15 -11.74
C MET A 115 -19.54 -11.87 -13.08
N ALA A 116 -18.49 -11.61 -13.84
CA ALA A 116 -18.33 -12.22 -15.16
C ALA A 116 -16.87 -12.51 -15.45
N TRP A 117 -16.61 -13.63 -16.11
CA TRP A 117 -15.23 -14.00 -16.44
C TRP A 117 -15.18 -14.97 -17.60
N GLU A 118 -14.02 -15.04 -18.24
CA GLU A 118 -13.80 -15.92 -19.38
C GLU A 118 -12.70 -16.94 -19.08
N LYS A 119 -13.10 -18.19 -18.86
CA LYS A 119 -12.16 -19.27 -18.57
C LYS A 119 -11.11 -19.41 -19.67
N LEU A 120 -9.91 -18.86 -19.44
CA LEU A 120 -8.83 -18.91 -20.41
C LEU A 120 -8.28 -20.33 -20.60
N THR A 121 -7.76 -20.58 -21.81
CA THR A 121 -7.16 -21.87 -22.16
C THR A 121 -5.68 -21.78 -21.82
N GLU A 122 -4.96 -22.89 -21.86
CA GLU A 122 -3.54 -22.84 -21.53
C GLU A 122 -2.79 -22.06 -22.60
N ALA A 123 -3.46 -21.82 -23.73
CA ALA A 123 -2.86 -21.09 -24.83
C ALA A 123 -3.13 -19.60 -24.67
N ARG A 124 -4.39 -19.26 -24.40
CA ARG A 124 -4.78 -17.87 -24.22
C ARG A 124 -3.98 -17.27 -23.06
N LEU A 125 -3.79 -18.08 -22.02
CA LEU A 125 -3.03 -17.64 -20.85
C LEU A 125 -1.60 -17.34 -21.31
N GLU A 126 -1.04 -18.27 -22.09
CA GLU A 126 0.32 -18.13 -22.61
C GLU A 126 0.42 -16.89 -23.50
N GLU A 127 -0.73 -16.50 -24.04
CA GLU A 127 -0.79 -15.34 -24.92
C GLU A 127 -0.80 -14.06 -24.09
N VAL A 128 -1.66 -14.04 -23.08
CA VAL A 128 -1.80 -12.87 -22.19
C VAL A 128 -0.54 -12.63 -21.37
N LEU A 129 0.07 -13.71 -20.89
CA LEU A 129 1.29 -13.60 -20.08
C LEU A 129 2.42 -13.00 -20.91
N THR A 130 2.75 -13.68 -22.00
CA THR A 130 3.81 -13.23 -22.89
C THR A 130 3.46 -11.86 -23.46
N ALA A 131 2.16 -11.57 -23.53
CA ALA A 131 1.67 -10.31 -24.05
C ALA A 131 2.35 -9.10 -23.41
N TYR A 132 2.25 -8.99 -22.09
CA TYR A 132 2.87 -7.87 -21.38
C TYR A 132 4.39 -7.88 -21.41
N LYS A 133 4.94 -7.63 -22.59
CA LYS A 133 6.39 -7.59 -22.79
C LYS A 133 6.73 -6.91 -24.11
N ALA A 134 5.99 -7.26 -25.15
CA ALA A 134 6.21 -6.67 -26.48
C ALA A 134 5.02 -5.80 -26.90
N ASP A 146 -13.15 -7.66 -22.25
CA ASP A 146 -12.92 -6.67 -21.19
C ASP A 146 -11.66 -6.94 -20.36
N PHE A 147 -10.77 -5.96 -20.34
CA PHE A 147 -9.52 -6.05 -19.59
C PHE A 147 -9.10 -4.64 -19.19
N ARG A 148 -9.95 -4.01 -18.37
CA ARG A 148 -9.70 -2.65 -17.88
C ARG A 148 -9.26 -2.68 -16.42
N ILE A 149 -8.03 -3.12 -16.18
CA ILE A 149 -7.46 -3.21 -14.85
C ILE A 149 -6.43 -2.08 -14.68
N SER A 150 -5.72 -2.08 -13.55
CA SER A 150 -4.70 -1.07 -13.29
C SER A 150 -3.84 -1.47 -12.09
N VAL A 151 -2.64 -1.99 -12.37
CA VAL A 151 -1.72 -2.43 -11.33
C VAL A 151 -0.57 -1.42 -11.23
N ALA A 152 -0.37 -0.85 -10.04
CA ALA A 152 0.70 0.11 -9.82
C ALA A 152 1.88 -0.57 -9.14
N GLY A 153 3.08 -0.11 -9.43
CA GLY A 153 4.27 -0.72 -8.83
C GLY A 153 5.56 -0.36 -9.53
N ALA A 154 6.62 -1.11 -9.24
CA ALA A 154 7.92 -0.86 -9.84
C ALA A 154 8.10 -1.55 -11.19
N GLN A 155 7.65 -2.81 -11.29
CA GLN A 155 7.79 -3.60 -12.51
C GLN A 155 6.51 -3.80 -13.32
N GLU A 156 6.65 -4.51 -14.44
CA GLU A 156 5.54 -4.81 -15.33
C GLU A 156 4.72 -6.02 -14.83
N LYS A 157 3.43 -5.77 -14.56
CA LYS A 157 2.55 -6.83 -14.06
C LYS A 157 1.07 -6.60 -14.38
N THR A 158 0.33 -7.70 -14.51
CA THR A 158 -1.09 -7.66 -14.80
C THR A 158 -1.88 -8.27 -13.64
N ALA A 159 -3.12 -8.70 -13.88
CA ALA A 159 -3.94 -9.28 -12.81
C ALA A 159 -5.05 -10.18 -13.33
N LEU A 160 -5.16 -11.37 -12.77
CA LEU A 160 -6.19 -12.31 -13.20
C LEU A 160 -7.13 -12.80 -12.09
N LEU A 161 -8.24 -13.40 -12.51
CA LEU A 161 -9.25 -13.94 -11.61
C LEU A 161 -9.17 -15.46 -11.58
N ARG A 162 -8.86 -16.01 -10.41
CA ARG A 162 -8.75 -17.45 -10.24
C ARG A 162 -10.02 -18.04 -9.66
N ILE A 163 -10.66 -18.93 -10.41
CA ILE A 163 -11.90 -19.57 -9.96
C ILE A 163 -11.97 -21.06 -10.32
N GLY A 164 -12.18 -21.91 -9.30
CA GLY A 164 -12.26 -23.33 -9.51
C GLY A 164 -10.89 -23.95 -9.71
N ASN A 165 -10.45 -23.99 -10.97
CA ASN A 165 -9.13 -24.54 -11.33
C ASN A 165 -8.74 -23.97 -12.67
N ASP A 166 -9.24 -22.78 -12.98
CA ASP A 166 -8.94 -22.16 -14.25
C ASP A 166 -8.61 -20.68 -14.04
N TRP A 167 -7.68 -20.17 -14.82
CA TRP A 167 -7.31 -18.77 -14.77
C TRP A 167 -8.24 -18.07 -15.73
N CYS A 168 -9.14 -17.25 -15.20
CA CYS A 168 -10.12 -16.55 -16.01
C CYS A 168 -9.91 -15.04 -16.03
N ILE A 169 -10.31 -14.40 -17.13
CA ILE A 169 -10.18 -12.95 -17.25
C ILE A 169 -11.50 -12.27 -16.91
N PRO A 170 -11.47 -11.30 -15.99
CA PRO A 170 -12.68 -10.58 -15.58
C PRO A 170 -13.34 -9.88 -16.75
N LYS A 171 -14.65 -9.68 -16.64
CA LYS A 171 -15.41 -9.01 -17.69
C LYS A 171 -16.40 -8.02 -17.04
N GLY A 172 -16.10 -6.73 -17.18
CA GLY A 172 -16.95 -5.71 -16.60
C GLY A 172 -16.24 -5.08 -15.41
N ILE A 173 -16.95 -4.89 -14.31
CA ILE A 173 -16.33 -4.33 -13.10
C ILE A 173 -16.00 -5.49 -12.17
N THR A 174 -15.98 -6.70 -12.74
CA THR A 174 -15.68 -7.91 -11.98
C THR A 174 -14.25 -7.80 -11.45
N PRO A 175 -14.04 -8.13 -10.17
CA PRO A 175 -12.71 -8.04 -9.58
C PRO A 175 -11.79 -9.22 -9.93
N THR A 176 -10.51 -9.03 -9.68
CA THR A 176 -9.50 -10.07 -9.92
C THR A 176 -9.09 -10.60 -8.55
N THR A 177 -8.53 -11.81 -8.51
CA THR A 177 -8.11 -12.36 -7.24
C THR A 177 -6.59 -12.50 -7.16
N HIS A 178 -5.92 -12.41 -8.29
CA HIS A 178 -4.46 -12.54 -8.31
C HIS A 178 -3.72 -11.49 -9.14
N ILE A 179 -2.58 -11.06 -8.60
CA ILE A 179 -1.71 -10.11 -9.28
C ILE A 179 -0.66 -10.99 -9.94
N ILE A 180 -0.63 -10.99 -11.27
CA ILE A 180 0.32 -11.81 -11.99
C ILE A 180 1.52 -11.01 -12.50
N LYS A 181 2.72 -11.47 -12.16
CA LYS A 181 3.96 -10.80 -12.55
C LYS A 181 4.75 -11.60 -13.59
N LEU A 182 5.27 -10.89 -14.59
CA LEU A 182 6.02 -11.54 -15.65
C LEU A 182 7.51 -11.29 -15.50
N PRO A 183 8.33 -12.22 -16.04
CA PRO A 183 9.78 -12.08 -15.95
C PRO A 183 10.19 -10.76 -16.60
N ILE A 184 11.05 -10.01 -15.90
CA ILE A 184 11.52 -8.72 -16.39
C ILE A 184 12.24 -8.87 -17.74
N LEU A 196 17.67 -8.18 -13.40
CA LEU A 196 16.95 -9.38 -13.00
C LEU A 196 16.55 -10.21 -14.21
N SER A 197 16.88 -11.50 -14.15
CA SER A 197 16.58 -12.40 -15.24
C SER A 197 15.43 -13.33 -14.86
N GLN A 198 15.26 -13.53 -13.56
CA GLN A 198 14.22 -14.41 -13.05
C GLN A 198 13.51 -13.76 -11.87
N SER A 199 13.06 -12.53 -12.07
CA SER A 199 12.36 -11.78 -11.04
C SER A 199 11.21 -12.59 -10.45
N VAL A 200 10.58 -13.42 -11.28
CA VAL A 200 9.47 -14.26 -10.85
C VAL A 200 9.90 -15.25 -9.77
N ASP A 201 11.07 -15.85 -9.97
CA ASP A 201 11.61 -16.84 -9.04
C ASP A 201 12.21 -16.19 -7.81
N ASN A 202 12.78 -15.01 -7.98
CA ASN A 202 13.38 -14.26 -6.88
C ASN A 202 12.29 -13.93 -5.85
N GLU A 203 11.16 -13.38 -6.32
CA GLU A 203 10.05 -13.01 -5.47
C GLU A 203 9.29 -14.21 -4.88
N TYR A 204 9.15 -15.27 -5.66
CA TYR A 204 8.46 -16.45 -5.20
C TYR A 204 9.18 -17.02 -4.00
N TYR A 205 10.50 -16.86 -3.99
CA TYR A 205 11.31 -17.37 -2.89
C TYR A 205 11.20 -16.43 -1.71
N CYS A 206 11.49 -15.16 -1.95
CA CYS A 206 11.42 -14.19 -0.88
C CYS A 206 10.09 -14.27 -0.14
N LEU A 207 8.99 -14.53 -0.85
CA LEU A 207 7.69 -14.63 -0.21
C LEU A 207 7.55 -15.89 0.66
N LEU A 208 7.97 -17.04 0.14
CA LEU A 208 7.88 -18.29 0.89
C LEU A 208 8.68 -18.18 2.17
N LEU A 209 9.86 -17.58 2.05
CA LEU A 209 10.73 -17.38 3.20
C LEU A 209 10.08 -16.43 4.19
N ALA A 210 9.49 -15.36 3.68
CA ALA A 210 8.83 -14.37 4.53
C ALA A 210 7.77 -15.03 5.42
N LYS A 211 6.98 -15.91 4.81
CA LYS A 211 5.92 -16.62 5.52
C LYS A 211 6.51 -17.53 6.58
N GLU A 212 7.51 -18.30 6.18
CA GLU A 212 8.19 -19.24 7.06
C GLU A 212 8.69 -18.56 8.33
N LEU A 213 8.99 -17.27 8.25
CA LEU A 213 9.48 -16.51 9.39
C LEU A 213 8.37 -15.75 10.12
N GLY A 214 7.13 -16.08 9.82
CA GLY A 214 6.02 -15.43 10.50
C GLY A 214 5.66 -14.02 10.08
N LEU A 215 6.21 -13.54 8.97
CA LEU A 215 5.92 -12.20 8.48
C LEU A 215 4.59 -12.31 7.71
N ASN A 216 3.73 -11.31 7.81
CA ASN A 216 2.45 -11.36 7.11
C ASN A 216 2.56 -11.08 5.61
N VAL A 217 2.59 -12.13 4.80
CA VAL A 217 2.70 -11.97 3.34
C VAL A 217 1.68 -12.81 2.57
N PRO A 218 1.38 -12.42 1.33
CA PRO A 218 0.43 -13.18 0.52
C PRO A 218 0.98 -14.49 -0.03
N ASP A 219 0.12 -15.50 -0.12
CA ASP A 219 0.51 -16.78 -0.66
C ASP A 219 0.58 -16.60 -2.17
N ALA A 220 1.75 -16.87 -2.75
CA ALA A 220 1.90 -16.73 -4.19
C ALA A 220 2.25 -18.09 -4.78
N GLU A 221 2.01 -18.24 -6.07
CA GLU A 221 2.33 -19.49 -6.76
C GLU A 221 2.91 -19.15 -8.12
N ILE A 222 3.53 -20.13 -8.75
CA ILE A 222 4.12 -19.91 -10.06
C ILE A 222 3.24 -20.61 -11.08
N ILE A 223 2.81 -19.86 -12.09
CA ILE A 223 1.98 -20.42 -13.14
C ILE A 223 2.85 -20.64 -14.37
N LYS A 224 2.72 -21.84 -14.94
CA LYS A 224 3.48 -22.21 -16.12
C LYS A 224 2.58 -22.34 -17.34
N ALA A 225 2.76 -21.44 -18.30
CA ALA A 225 1.97 -21.46 -19.52
C ALA A 225 2.90 -21.65 -20.72
N GLY A 226 2.93 -22.88 -21.24
CA GLY A 226 3.78 -23.18 -22.39
C GLY A 226 5.25 -22.93 -22.12
N ASN A 227 5.75 -21.80 -22.62
CA ASN A 227 7.15 -21.42 -22.46
C ASN A 227 7.32 -20.35 -21.39
N VAL A 228 6.30 -19.50 -21.23
CA VAL A 228 6.37 -18.42 -20.25
C VAL A 228 6.19 -18.91 -18.81
N ARG A 229 6.87 -18.24 -17.89
CA ARG A 229 6.83 -18.57 -16.47
C ARG A 229 6.44 -17.31 -15.70
N ALA A 230 5.27 -17.32 -15.07
CA ALA A 230 4.78 -16.17 -14.33
C ALA A 230 4.45 -16.39 -12.85
N LEU A 231 4.54 -15.31 -12.07
CA LEU A 231 4.23 -15.34 -10.65
C LEU A 231 2.77 -14.93 -10.40
N ALA A 232 2.07 -15.72 -9.60
CA ALA A 232 0.67 -15.44 -9.28
C ALA A 232 0.50 -15.17 -7.78
N VAL A 233 0.40 -13.90 -7.41
CA VAL A 233 0.24 -13.51 -6.02
C VAL A 233 -1.24 -13.36 -5.72
N GLU A 234 -1.68 -13.96 -4.61
CA GLU A 234 -3.08 -13.87 -4.20
C GLU A 234 -3.26 -12.47 -3.65
N ARG A 235 -4.33 -11.78 -4.02
CA ARG A 235 -4.52 -10.42 -3.54
C ARG A 235 -5.13 -10.37 -2.14
N PHE A 236 -4.63 -9.48 -1.29
CA PHE A 236 -5.18 -9.37 0.05
C PHE A 236 -6.18 -8.21 0.12
N ASP A 237 -6.42 -7.58 -1.03
CA ASP A 237 -7.36 -6.47 -1.11
C ASP A 237 -8.60 -6.95 -1.86
N ARG A 238 -8.84 -8.26 -1.80
CA ARG A 238 -9.97 -8.87 -2.46
C ARG A 238 -10.54 -9.93 -1.53
N ARG A 239 -11.86 -10.00 -1.43
CA ARG A 239 -12.50 -10.98 -0.56
C ARG A 239 -13.91 -11.28 -1.05
N TRP A 240 -14.28 -12.57 -1.06
CA TRP A 240 -15.61 -12.96 -1.49
C TRP A 240 -16.56 -12.70 -0.33
N ASN A 241 -17.77 -12.24 -0.64
CA ASN A 241 -18.75 -11.98 0.40
C ASN A 241 -19.18 -13.32 1.00
N ALA A 242 -19.89 -13.26 2.12
CA ALA A 242 -20.33 -14.48 2.79
C ALA A 242 -21.04 -15.43 1.83
N GLU A 243 -21.92 -14.88 1.01
CA GLU A 243 -22.69 -15.66 0.06
C GLU A 243 -21.85 -16.34 -1.03
N ARG A 244 -20.66 -15.80 -1.29
CA ARG A 244 -19.75 -16.32 -2.31
C ARG A 244 -20.27 -15.87 -3.69
N THR A 245 -21.22 -14.94 -3.67
CA THR A 245 -21.85 -14.41 -4.87
C THR A 245 -21.22 -13.12 -5.35
N VAL A 246 -20.40 -12.49 -4.50
CA VAL A 246 -19.77 -11.23 -4.90
C VAL A 246 -18.33 -11.12 -4.41
N LEU A 247 -17.44 -10.71 -5.32
CA LEU A 247 -16.04 -10.53 -4.96
C LEU A 247 -15.90 -9.06 -4.60
N LEU A 248 -15.54 -8.80 -3.35
CA LEU A 248 -15.39 -7.46 -2.81
C LEU A 248 -13.97 -6.90 -2.82
N ARG A 249 -13.84 -5.61 -3.14
CA ARG A 249 -12.55 -4.94 -3.13
C ARG A 249 -12.41 -4.25 -1.78
N LEU A 250 -11.29 -4.48 -1.10
CA LEU A 250 -11.05 -3.89 0.20
C LEU A 250 -10.28 -2.61 -0.01
N PRO A 251 -10.78 -1.48 0.52
CA PRO A 251 -10.06 -0.22 0.32
C PRO A 251 -8.67 -0.23 0.94
N GLN A 252 -7.72 0.40 0.24
CA GLN A 252 -6.35 0.48 0.73
C GLN A 252 -5.60 1.58 -0.01
N GLU A 253 -4.42 1.93 0.51
CA GLU A 253 -3.58 2.93 -0.14
C GLU A 253 -2.14 2.72 0.34
N ASP A 254 -1.17 3.09 -0.50
CA ASP A 254 0.23 2.93 -0.15
C ASP A 254 0.68 4.14 0.65
N MET A 255 1.95 4.17 1.06
CA MET A 255 2.41 5.29 1.87
C MET A 255 2.62 6.58 1.11
N CYS A 256 2.64 6.53 -0.22
CA CYS A 256 2.79 7.78 -0.97
C CYS A 256 1.43 8.46 -0.91
N GLN A 257 0.39 7.67 -1.12
CA GLN A 257 -0.98 8.17 -1.08
C GLN A 257 -1.33 8.67 0.32
N THR A 258 -1.19 7.81 1.32
CA THR A 258 -1.47 8.19 2.69
C THR A 258 -0.94 9.59 3.03
N PHE A 259 0.24 9.91 2.55
CA PHE A 259 0.85 11.22 2.83
C PHE A 259 0.61 12.26 1.74
N GLY A 260 -0.19 11.89 0.74
CA GLY A 260 -0.49 12.79 -0.36
C GLY A 260 0.71 13.16 -1.22
N LEU A 261 1.67 12.25 -1.32
CA LEU A 261 2.90 12.49 -2.08
C LEU A 261 2.88 11.86 -3.46
N PRO A 262 3.68 12.42 -4.38
CA PRO A 262 3.77 11.89 -5.75
C PRO A 262 4.70 10.68 -5.77
N SER A 263 4.34 9.66 -6.53
CA SER A 263 5.16 8.46 -6.63
C SER A 263 6.60 8.80 -6.99
N SER A 264 6.83 9.99 -7.52
CA SER A 264 8.18 10.39 -7.88
C SER A 264 9.07 10.48 -6.63
N VAL A 265 8.49 10.44 -5.45
CA VAL A 265 9.28 10.50 -4.23
C VAL A 265 9.12 9.26 -3.36
N LYS A 266 8.68 8.16 -3.97
CA LYS A 266 8.48 6.92 -3.24
C LYS A 266 9.70 6.45 -2.43
N TYR A 267 10.91 6.73 -2.92
CA TYR A 267 12.13 6.35 -2.17
C TYR A 267 12.47 7.46 -1.20
N GLU A 268 13.03 7.09 -0.06
CA GLU A 268 13.38 8.08 0.95
C GLU A 268 14.49 9.02 0.51
N SER A 269 15.42 8.50 -0.29
CA SER A 269 16.54 9.31 -0.77
C SER A 269 16.07 10.41 -1.71
N ASP A 270 14.91 10.19 -2.34
CA ASP A 270 14.33 11.16 -3.26
C ASP A 270 13.43 12.16 -2.54
N GLY A 271 12.95 11.79 -1.37
CA GLY A 271 12.09 12.66 -0.60
C GLY A 271 10.90 11.94 0.02
N GLY A 272 10.86 10.62 -0.15
CA GLY A 272 9.78 9.84 0.42
C GLY A 272 9.88 9.64 1.92
N PRO A 273 8.86 9.01 2.54
CA PRO A 273 8.82 8.75 3.98
C PRO A 273 9.80 7.66 4.40
N GLY A 274 10.29 7.77 5.63
CA GLY A 274 11.23 6.78 6.14
C GLY A 274 10.64 6.02 7.31
N ILE A 275 11.49 5.51 8.19
CA ILE A 275 11.05 4.76 9.36
C ILE A 275 10.24 5.63 10.32
N ALA A 276 10.84 6.73 10.76
CA ALA A 276 10.17 7.63 11.69
C ALA A 276 8.77 8.06 11.20
N ARG A 277 8.70 8.55 9.97
CA ARG A 277 7.43 8.98 9.40
C ARG A 277 6.46 7.82 9.51
N ILE A 278 6.77 6.70 8.89
CA ILE A 278 5.89 5.53 8.93
C ILE A 278 5.55 5.07 10.34
N MET A 279 6.58 4.96 11.20
CA MET A 279 6.35 4.51 12.57
C MET A 279 5.41 5.39 13.37
N ALA A 280 5.55 6.70 13.20
CA ALA A 280 4.70 7.64 13.91
C ALA A 280 3.24 7.44 13.44
N PHE A 281 3.08 7.35 12.12
CA PHE A 281 1.78 7.14 11.49
C PHE A 281 1.16 5.83 11.95
N LEU A 282 1.98 4.82 12.16
CA LEU A 282 1.47 3.53 12.60
C LEU A 282 0.95 3.58 14.03
N GLY A 284 -1.18 5.47 14.97
CA GLY A 284 -2.60 5.71 14.85
C GLY A 284 -3.37 4.58 14.22
N SER A 285 -2.77 3.39 14.19
CA SER A 285 -3.37 2.21 13.61
C SER A 285 -4.34 1.54 14.62
N SER A 286 -5.33 0.78 14.14
CA SER A 286 -6.23 0.09 15.06
C SER A 286 -5.40 -0.98 15.77
N GLU A 287 -4.40 -1.49 15.07
CA GLU A 287 -3.46 -2.49 15.56
C GLU A 287 -2.07 -1.85 15.67
N ALA A 288 -2.01 -0.63 16.22
CA ALA A 288 -0.77 0.12 16.37
C ALA A 288 0.45 -0.60 16.92
N LEU A 289 0.37 -1.11 18.14
CA LEU A 289 1.52 -1.78 18.74
C LEU A 289 2.01 -2.99 17.95
N LYS A 290 1.10 -3.76 17.37
CA LYS A 290 1.49 -4.92 16.57
C LYS A 290 2.09 -4.49 15.22
N ASP A 291 1.48 -3.48 14.58
CA ASP A 291 1.94 -2.99 13.29
C ASP A 291 3.32 -2.37 13.39
N ARG A 292 3.55 -1.61 14.45
CA ARG A 292 4.84 -0.98 14.66
C ARG A 292 5.91 -2.06 14.80
N TYR A 293 5.59 -3.09 15.59
CA TYR A 293 6.50 -4.21 15.80
C TYR A 293 6.77 -4.87 14.48
N ASP A 294 5.71 -5.19 13.76
CA ASP A 294 5.83 -5.83 12.45
C ASP A 294 6.60 -5.00 11.44
N PHE A 295 6.42 -3.69 11.45
CA PHE A 295 7.12 -2.85 10.49
C PHE A 295 8.62 -2.89 10.76
N MET A 296 9.02 -2.74 12.01
CA MET A 296 10.43 -2.78 12.36
C MET A 296 11.00 -4.17 12.03
N LYS A 297 10.29 -5.21 12.42
CA LYS A 297 10.73 -6.57 12.16
C LYS A 297 11.09 -6.71 10.68
N PHE A 298 10.22 -6.20 9.81
CA PHE A 298 10.42 -6.27 8.37
C PHE A 298 11.66 -5.46 7.92
N GLN A 299 11.99 -4.39 8.63
CA GLN A 299 13.18 -3.62 8.30
C GLN A 299 14.40 -4.53 8.42
N VAL A 300 14.32 -5.50 9.33
CA VAL A 300 15.42 -6.42 9.57
C VAL A 300 15.42 -7.50 8.51
N PHE A 301 14.25 -8.01 8.17
CA PHE A 301 14.09 -9.04 7.14
C PHE A 301 14.63 -8.54 5.79
N GLN A 302 14.29 -7.30 5.45
CA GLN A 302 14.73 -6.68 4.21
C GLN A 302 16.26 -6.65 4.22
N TRP A 303 16.82 -6.44 5.39
CA TRP A 303 18.27 -6.40 5.52
C TRP A 303 18.81 -7.81 5.25
N LEU A 304 18.33 -8.79 6.02
CA LEU A 304 18.79 -10.16 5.86
C LEU A 304 18.74 -10.71 4.43
N ILE A 305 17.66 -10.42 3.69
CA ILE A 305 17.56 -10.93 2.31
C ILE A 305 18.00 -9.93 1.24
N GLY A 306 18.72 -8.89 1.67
CA GLY A 306 19.20 -7.89 0.76
C GLY A 306 18.17 -7.30 -0.16
N ALA A 307 16.98 -7.02 0.39
CA ALA A 307 15.90 -6.42 -0.38
C ALA A 307 16.13 -4.92 -0.31
N THR A 308 16.10 -4.25 -1.45
CA THR A 308 16.34 -2.80 -1.48
C THR A 308 15.21 -1.99 -2.12
N GLN A 309 14.05 -2.63 -2.27
CA GLN A 309 12.86 -2.01 -2.86
C GLN A 309 11.86 -1.51 -1.81
N GLY A 310 12.26 -1.51 -0.54
CA GLY A 310 11.35 -1.08 0.51
C GLY A 310 11.00 0.39 0.49
N HIS A 311 10.45 0.87 -0.62
CA HIS A 311 10.06 2.28 -0.75
C HIS A 311 8.60 2.47 -0.31
N ALA A 312 8.22 3.71 -0.03
CA ALA A 312 6.87 4.01 0.44
C ALA A 312 5.71 3.33 -0.30
N LYS A 313 5.80 3.18 -1.62
CA LYS A 313 4.70 2.56 -2.34
C LYS A 313 4.69 1.07 -2.19
N ASN A 314 5.55 0.56 -1.31
CA ASN A 314 5.58 -0.90 -1.08
C ASN A 314 4.96 -1.31 0.27
N PHE A 315 4.49 -0.31 1.00
CA PHE A 315 3.83 -0.49 2.26
C PHE A 315 2.43 0.12 2.11
N SER A 316 1.42 -0.59 2.59
CA SER A 316 0.05 -0.12 2.49
C SER A 316 -0.74 -0.30 3.77
N VAL A 317 -1.79 0.49 3.92
CA VAL A 317 -2.68 0.36 5.07
C VAL A 317 -4.06 0.14 4.48
N PHE A 318 -4.88 -0.61 5.21
CA PHE A 318 -6.24 -0.88 4.81
C PHE A 318 -7.04 0.31 5.37
N ILE A 319 -8.00 0.84 4.62
CA ILE A 319 -8.80 1.94 5.16
C ILE A 319 -10.10 1.29 5.61
N GLN A 320 -10.45 1.51 6.88
CA GLN A 320 -11.65 0.94 7.47
C GLN A 320 -12.76 1.97 7.68
N ALA A 321 -13.99 1.48 7.88
CA ALA A 321 -15.12 2.38 8.09
C ALA A 321 -14.77 3.41 9.16
N GLY A 322 -15.06 4.69 8.89
CA GLY A 322 -14.78 5.72 9.87
C GLY A 322 -13.41 6.36 9.80
N GLY A 323 -12.51 5.79 9.00
CA GLY A 323 -11.18 6.38 8.90
C GLY A 323 -10.07 5.63 9.61
N SER A 324 -10.41 4.46 10.14
CA SER A 324 -9.43 3.63 10.81
C SER A 324 -8.58 2.96 9.75
N TYR A 325 -7.38 2.58 10.14
CA TYR A 325 -6.50 1.90 9.22
C TYR A 325 -5.56 1.02 10.00
N ARG A 326 -5.04 0.02 9.30
CA ARG A 326 -4.08 -0.86 9.90
C ARG A 326 -3.21 -1.29 8.75
N LEU A 327 -1.97 -1.65 9.06
CA LEU A 327 -1.00 -2.10 8.07
C LEU A 327 -1.50 -3.33 7.31
N THR A 328 -1.27 -3.36 5.99
CA THR A 328 -1.66 -4.51 5.17
C THR A 328 -0.45 -5.44 5.10
N PRO A 329 -0.64 -6.64 4.55
CA PRO A 329 0.47 -7.58 4.45
C PRO A 329 1.57 -6.97 3.57
N PHE A 330 2.81 -7.43 3.76
CA PHE A 330 3.89 -6.93 2.94
C PHE A 330 3.83 -7.64 1.58
N TYR A 331 4.32 -6.97 0.55
CA TYR A 331 4.29 -7.50 -0.81
C TYR A 331 5.44 -6.93 -1.61
N ASP A 332 5.52 -7.31 -2.88
CA ASP A 332 6.59 -6.85 -3.78
C ASP A 332 7.97 -7.02 -3.16
N ILE A 333 8.28 -8.23 -2.68
CA ILE A 333 9.58 -8.47 -2.07
C ILE A 333 10.49 -9.25 -3.02
N ILE A 334 11.66 -8.70 -3.23
CA ILE A 334 12.64 -9.31 -4.10
C ILE A 334 14.02 -9.09 -3.50
N SER A 335 14.87 -10.09 -3.65
CA SER A 335 16.24 -10.05 -3.12
C SER A 335 17.20 -9.63 -4.22
N ALA A 336 18.09 -8.70 -3.91
CA ALA A 336 19.07 -8.23 -4.89
C ALA A 336 20.36 -9.04 -4.81
N PHE A 337 20.28 -10.20 -4.16
CA PHE A 337 21.45 -11.03 -4.02
C PHE A 337 21.84 -11.71 -5.32
N PRO A 338 20.88 -12.32 -6.02
CA PRO A 338 21.16 -13.00 -7.29
C PRO A 338 21.86 -12.12 -8.32
N VAL A 339 22.00 -10.83 -8.02
CA VAL A 339 22.65 -9.89 -8.94
C VAL A 339 24.00 -9.40 -8.43
N LEU A 340 24.91 -10.33 -8.16
CA LEU A 340 26.22 -9.97 -7.66
C LEU A 340 27.32 -10.81 -8.31
N GLY A 341 28.56 -10.44 -8.02
CA GLY A 341 29.70 -11.16 -8.55
C GLY A 341 29.87 -11.11 -10.06
N GLY A 342 29.23 -12.06 -10.75
CA GLY A 342 29.32 -12.15 -12.19
C GLY A 342 29.22 -10.81 -12.90
N THR A 343 28.59 -9.84 -12.25
CA THR A 343 28.43 -8.50 -12.82
C THR A 343 29.21 -7.47 -12.01
N GLY A 344 28.89 -6.20 -12.22
CA GLY A 344 29.58 -5.16 -11.48
C GLY A 344 29.12 -5.15 -10.03
N ILE A 345 27.80 -5.26 -9.86
CA ILE A 345 27.14 -5.25 -8.55
C ILE A 345 27.78 -6.09 -7.45
N HIS A 346 27.98 -5.46 -6.31
CA HIS A 346 28.59 -6.09 -5.16
C HIS A 346 27.81 -5.82 -3.88
N ILE A 347 27.90 -6.74 -2.94
CA ILE A 347 27.24 -6.64 -1.65
C ILE A 347 27.40 -5.26 -1.00
N SER A 348 28.54 -4.61 -1.26
CA SER A 348 28.81 -3.29 -0.69
C SER A 348 28.08 -2.20 -1.47
N ASP A 349 27.38 -2.61 -2.52
CA ASP A 349 26.63 -1.68 -3.33
C ASP A 349 25.12 -1.83 -3.15
N LEU A 350 24.72 -2.57 -2.11
CA LEU A 350 23.32 -2.77 -1.80
C LEU A 350 22.96 -1.83 -0.64
N LYS A 351 21.93 -1.00 -0.86
CA LYS A 351 21.49 -0.05 0.16
C LYS A 351 19.99 -0.16 0.42
N LEU A 352 19.60 -0.19 1.70
CA LEU A 352 18.20 -0.26 2.08
C LEU A 352 17.50 1.04 1.65
N ALA A 353 16.30 0.93 1.11
CA ALA A 353 15.56 2.10 0.69
C ALA A 353 15.29 3.06 1.86
N MET A 354 15.10 2.53 3.06
CA MET A 354 14.87 3.39 4.24
C MET A 354 16.06 3.24 5.19
N GLY A 355 16.69 4.35 5.51
CA GLY A 355 17.86 4.32 6.38
C GLY A 355 17.62 4.09 7.85
N LEU A 356 18.67 3.61 8.52
CA LEU A 356 18.64 3.33 9.95
C LEU A 356 19.49 4.39 10.60
N ASN A 357 19.39 4.51 11.91
CA ASN A 357 20.18 5.51 12.60
C ASN A 357 21.58 4.96 12.87
N ALA A 358 22.58 5.79 12.57
CA ALA A 358 23.96 5.41 12.77
C ALA A 358 24.61 6.48 13.64
N SER A 359 25.83 6.21 14.08
CA SER A 359 26.58 7.15 14.90
C SER A 359 26.85 8.39 14.07
N LYS A 360 27.28 8.16 12.83
CA LYS A 360 27.61 9.21 11.88
C LYS A 360 26.43 9.41 10.92
N GLY A 361 25.43 10.18 11.35
CA GLY A 361 24.28 10.40 10.51
C GLY A 361 23.35 9.21 10.40
N LYS A 362 23.26 8.61 9.21
CA LYS A 362 22.41 7.44 8.99
C LYS A 362 23.10 6.38 8.13
N LYS A 363 22.73 5.12 8.32
CA LYS A 363 23.30 4.04 7.53
C LYS A 363 22.27 3.35 6.67
N THR A 364 22.72 2.76 5.58
CA THR A 364 21.84 2.13 4.63
C THR A 364 22.51 1.04 3.83
N ALA A 365 23.82 0.91 3.98
CA ALA A 365 24.57 -0.11 3.26
C ALA A 365 24.43 -1.47 3.94
N ILE A 366 23.67 -2.37 3.29
CA ILE A 366 23.42 -3.70 3.83
C ILE A 366 24.68 -4.36 4.42
N ASP A 367 25.74 -4.42 3.63
CA ASP A 367 26.99 -5.03 4.06
C ASP A 367 27.73 -4.29 5.17
N LYS A 368 27.27 -3.11 5.54
CA LYS A 368 27.90 -2.37 6.63
C LYS A 368 26.97 -2.31 7.83
N ILE A 369 25.72 -2.73 7.63
CA ILE A 369 24.71 -2.73 8.69
C ILE A 369 24.89 -3.81 9.76
N TYR A 370 24.74 -3.42 11.03
CA TYR A 370 24.86 -4.35 12.15
C TYR A 370 23.74 -4.18 13.18
N PRO A 371 23.48 -5.21 13.99
CA PRO A 371 22.41 -5.09 14.99
C PRO A 371 22.39 -3.75 15.71
N ARG A 372 23.56 -3.26 16.11
CA ARG A 372 23.66 -1.98 16.82
C ARG A 372 22.94 -0.85 16.08
N HIS A 373 22.76 -1.01 14.77
CA HIS A 373 22.08 0.01 13.98
C HIS A 373 20.56 -0.03 14.21
N PHE A 374 19.98 -1.22 14.15
CA PHE A 374 18.55 -1.35 14.40
C PHE A 374 18.27 -0.90 15.84
N LEU A 375 19.19 -1.20 16.75
CA LEU A 375 18.98 -0.80 18.13
C LEU A 375 19.11 0.71 18.29
N ALA A 376 19.96 1.32 17.47
CA ALA A 376 20.15 2.77 17.52
C ALA A 376 18.90 3.47 16.99
N THR A 377 18.32 2.89 15.94
CA THR A 377 17.12 3.41 15.34
C THR A 377 16.00 3.33 16.36
N ALA A 378 15.82 2.15 16.93
CA ALA A 378 14.80 1.93 17.94
C ALA A 378 14.96 2.96 19.05
N LYS A 379 16.19 3.26 19.43
CA LYS A 379 16.43 4.24 20.49
C LYS A 379 15.81 5.61 20.20
N VAL A 380 16.03 6.15 19.00
CA VAL A 380 15.46 7.46 18.66
C VAL A 380 13.93 7.38 18.49
N LEU A 381 13.46 6.39 17.73
CA LEU A 381 12.02 6.21 17.52
C LEU A 381 11.32 5.88 18.83
N ARG A 382 12.09 5.44 19.81
CA ARG A 382 11.54 5.06 21.09
C ARG A 382 10.64 3.84 20.94
N PHE A 383 11.07 2.90 20.11
CA PHE A 383 10.38 1.64 19.89
C PHE A 383 10.98 0.77 21.00
N PRO A 384 10.13 0.07 21.77
CA PRO A 384 10.66 -0.77 22.86
C PRO A 384 11.97 -1.45 22.53
N GLU A 385 12.99 -1.13 23.31
CA GLU A 385 14.30 -1.73 23.12
C GLU A 385 14.17 -3.23 23.23
N VAL A 386 13.46 -3.67 24.26
CA VAL A 386 13.29 -5.09 24.48
C VAL A 386 12.68 -5.80 23.28
N GLN A 387 11.79 -5.13 22.54
CA GLN A 387 11.19 -5.76 21.35
C GLN A 387 12.18 -5.80 20.19
N MET A 388 13.09 -4.83 20.12
CA MET A 388 14.06 -4.84 19.04
C MET A 388 14.99 -6.00 19.32
N HIS A 389 15.29 -6.24 20.59
CA HIS A 389 16.14 -7.34 20.99
C HIS A 389 15.48 -8.67 20.64
N GLU A 390 14.18 -8.78 20.94
CA GLU A 390 13.46 -10.01 20.65
C GLU A 390 13.35 -10.28 19.14
N ILE A 391 13.27 -9.22 18.33
CA ILE A 391 13.17 -9.38 16.89
C ILE A 391 14.46 -10.00 16.37
N LEU A 392 15.58 -9.36 16.69
CA LEU A 392 16.90 -9.84 16.27
C LEU A 392 17.10 -11.28 16.78
N SER A 393 16.70 -11.50 18.04
CA SER A 393 16.83 -12.80 18.66
C SER A 393 16.05 -13.86 17.89
N ASP A 394 14.78 -13.61 17.62
CA ASP A 394 13.99 -14.58 16.89
C ASP A 394 14.59 -14.96 15.54
N PHE A 395 15.13 -13.98 14.83
CA PHE A 395 15.72 -14.23 13.54
C PHE A 395 17.00 -15.05 13.74
N ALA A 396 17.80 -14.63 14.73
CA ALA A 396 19.05 -15.30 15.04
C ALA A 396 18.88 -16.81 15.05
N ARG A 397 17.85 -17.28 15.75
CA ARG A 397 17.63 -18.71 15.85
C ARG A 397 16.60 -19.32 14.89
N ILE A 399 16.31 -18.29 11.19
CA ILE A 399 16.73 -18.29 9.79
C ILE A 399 17.11 -19.71 9.30
N PRO A 400 18.13 -20.33 9.93
CA PRO A 400 18.58 -21.68 9.54
C PRO A 400 17.44 -22.63 9.20
N ALA A 401 16.58 -22.89 10.18
CA ALA A 401 15.44 -23.78 9.97
C ALA A 401 14.52 -23.25 8.86
N ALA A 402 14.40 -21.94 8.77
CA ALA A 402 13.54 -21.29 7.77
C ALA A 402 14.00 -21.61 6.35
N LEU A 403 15.28 -21.37 6.07
CA LEU A 403 15.83 -21.64 4.76
C LEU A 403 15.53 -23.08 4.33
N ASP A 404 15.76 -24.04 5.22
CA ASP A 404 15.52 -25.44 4.94
C ASP A 404 14.10 -25.74 4.47
N ASN A 405 13.11 -25.43 5.32
CA ASN A 405 11.72 -25.66 4.96
C ASN A 405 11.35 -25.00 3.65
N VAL A 406 11.83 -23.78 3.43
CA VAL A 406 11.55 -23.09 2.18
C VAL A 406 12.18 -23.88 1.04
N LYS A 407 13.47 -24.16 1.16
CA LYS A 407 14.22 -24.92 0.16
C LYS A 407 13.53 -26.24 -0.22
N THR A 408 13.18 -27.04 0.78
CA THR A 408 12.52 -28.31 0.56
C THR A 408 11.09 -28.10 0.06
N SER A 409 10.82 -26.88 -0.41
CA SER A 409 9.50 -26.53 -0.93
C SER A 409 9.63 -26.08 -2.39
N LEU A 410 10.76 -25.47 -2.71
CA LEU A 410 11.03 -24.99 -4.05
C LEU A 410 10.73 -26.09 -5.07
N PRO A 411 9.92 -25.77 -6.09
CA PRO A 411 9.61 -26.81 -7.09
C PRO A 411 10.87 -27.44 -7.70
N THR A 412 10.73 -28.67 -8.18
CA THR A 412 11.85 -29.40 -8.76
C THR A 412 12.63 -28.60 -9.79
N ASP A 413 11.95 -27.71 -10.51
CA ASP A 413 12.59 -26.89 -11.52
C ASP A 413 12.81 -25.45 -11.09
N PHE A 414 13.41 -25.25 -9.92
CA PHE A 414 13.67 -23.91 -9.43
C PHE A 414 15.15 -23.59 -9.54
N PRO A 415 15.49 -22.45 -10.18
CA PRO A 415 16.88 -22.02 -10.36
C PRO A 415 17.73 -22.04 -9.11
N GLU A 416 18.49 -23.12 -8.92
CA GLU A 416 19.33 -23.26 -7.73
C GLU A 416 20.35 -22.15 -7.51
N ASN A 417 20.52 -21.30 -8.52
CA ASN A 417 21.45 -20.17 -8.42
C ASN A 417 20.76 -19.06 -7.65
N VAL A 418 19.42 -19.09 -7.66
CA VAL A 418 18.63 -18.10 -6.94
C VAL A 418 18.65 -18.50 -5.48
N VAL A 419 18.30 -19.77 -5.25
CA VAL A 419 18.28 -20.35 -3.91
C VAL A 419 19.61 -20.12 -3.20
N THR A 420 20.68 -20.58 -3.84
CA THR A 420 22.01 -20.49 -3.30
C THR A 420 22.50 -19.07 -3.08
N ALA A 421 22.25 -18.18 -4.04
CA ALA A 421 22.70 -16.79 -3.91
C ALA A 421 22.01 -16.14 -2.73
N VAL A 422 20.70 -16.36 -2.61
CA VAL A 422 19.94 -15.79 -1.51
C VAL A 422 20.35 -16.45 -0.21
N GLU A 423 20.17 -17.77 -0.14
CA GLU A 423 20.51 -18.57 1.04
C GLU A 423 21.93 -18.29 1.53
N SER A 424 22.87 -18.29 0.61
CA SER A 424 24.26 -18.03 0.92
C SER A 424 24.45 -16.69 1.62
N ASN A 425 23.98 -15.60 1.01
CA ASN A 425 24.15 -14.27 1.62
C ASN A 425 23.35 -14.03 2.90
N VAL A 426 22.24 -14.77 3.05
CA VAL A 426 21.42 -14.62 4.25
C VAL A 426 22.24 -15.10 5.44
N LEU A 427 22.82 -16.29 5.32
CA LEU A 427 23.63 -16.84 6.38
C LEU A 427 24.79 -15.91 6.71
N ARG A 428 25.36 -15.28 5.68
CA ARG A 428 26.47 -14.36 5.89
C ARG A 428 26.04 -13.24 6.85
N LEU A 429 24.87 -12.64 6.59
CA LEU A 429 24.35 -11.56 7.46
C LEU A 429 23.84 -12.18 8.76
N HIS A 430 23.10 -13.28 8.65
CA HIS A 430 22.57 -13.96 9.82
C HIS A 430 23.66 -14.19 10.86
N GLY A 431 24.84 -14.63 10.41
CA GLY A 431 25.95 -14.85 11.31
C GLY A 431 26.15 -13.63 12.19
N ARG A 432 26.04 -12.44 11.60
CA ARG A 432 26.18 -11.19 12.35
C ARG A 432 25.20 -11.15 13.53
N LEU A 433 24.08 -11.86 13.39
CA LEU A 433 23.08 -11.94 14.45
C LEU A 433 23.43 -13.02 15.46
N SER A 434 23.38 -14.27 15.04
CA SER A 434 23.69 -15.38 15.92
C SER A 434 24.97 -15.05 16.73
N ARG A 435 25.88 -14.33 16.12
CA ARG A 435 27.10 -13.98 16.81
C ARG A 435 26.82 -13.15 18.07
N GLU A 436 25.67 -12.48 18.11
CA GLU A 436 25.31 -11.67 19.28
C GLU A 436 24.11 -12.22 20.02
N TYR A 437 23.16 -12.81 19.29
CA TYR A 437 21.97 -13.36 19.90
C TYR A 437 21.97 -14.88 19.90
N PHE B 4 -20.31 3.57 17.45
CA PHE B 4 -19.91 4.46 16.33
C PHE B 4 -18.49 4.08 15.86
N GLN B 5 -17.85 4.92 15.06
CA GLN B 5 -16.52 4.62 14.55
C GLN B 5 -15.47 4.86 15.62
N LYS B 6 -14.58 3.89 15.82
CA LYS B 6 -13.50 4.03 16.80
C LYS B 6 -12.39 4.88 16.20
N ILE B 7 -11.82 5.78 17.01
CA ILE B 7 -10.78 6.68 16.59
C ILE B 7 -9.48 6.34 17.31
N TYR B 8 -8.36 6.35 16.60
CA TYR B 8 -7.07 6.02 17.22
C TYR B 8 -5.95 7.07 17.17
N SER B 9 -6.24 8.27 16.67
CA SER B 9 -5.18 9.28 16.60
C SER B 9 -5.70 10.70 16.63
N PRO B 10 -4.81 11.68 16.87
CA PRO B 10 -5.25 13.07 16.89
C PRO B 10 -5.83 13.48 15.54
N THR B 11 -5.19 13.03 14.46
CA THR B 11 -5.64 13.36 13.12
C THR B 11 -7.00 12.75 12.77
N GLN B 12 -7.21 11.49 13.13
CA GLN B 12 -8.50 10.91 12.81
C GLN B 12 -9.56 11.70 13.56
N LEU B 13 -9.20 12.14 14.76
CA LEU B 13 -10.09 12.92 15.61
C LEU B 13 -10.48 14.24 14.97
N ALA B 14 -9.48 15.04 14.61
CA ALA B 14 -9.73 16.34 14.02
C ALA B 14 -10.53 16.23 12.72
N ASN B 15 -10.22 15.23 11.91
CA ASN B 15 -10.95 15.07 10.66
C ASN B 15 -12.43 14.88 10.96
N ALA B 16 -12.70 14.03 11.96
CA ALA B 16 -14.05 13.71 12.39
C ALA B 16 -14.74 14.96 12.91
N MET B 17 -14.12 15.59 13.90
CA MET B 17 -14.71 16.79 14.46
C MET B 17 -14.90 17.86 13.41
N LYS B 18 -13.96 18.02 12.49
CA LYS B 18 -14.11 19.05 11.47
C LYS B 18 -15.29 18.69 10.54
N LEU B 19 -15.51 17.40 10.30
CA LEU B 19 -16.61 17.00 9.45
C LEU B 19 -17.92 17.46 10.11
N VAL B 20 -18.07 17.13 11.39
CA VAL B 20 -19.26 17.51 12.16
C VAL B 20 -19.51 19.01 12.13
N ARG B 21 -18.47 19.82 12.27
CA ARG B 21 -18.65 21.27 12.25
C ARG B 21 -19.19 21.69 10.87
N GLN B 22 -18.64 21.13 9.81
CA GLN B 22 -19.09 21.46 8.47
C GLN B 22 -20.50 20.99 8.22
N GLN B 23 -20.80 19.76 8.65
CA GLN B 23 -22.15 19.22 8.46
C GLN B 23 -23.18 20.04 9.24
N ASN B 24 -22.75 20.76 10.27
CA ASN B 24 -23.68 21.55 11.04
C ASN B 24 -23.68 23.02 10.63
N GLY B 25 -22.90 23.36 9.62
CA GLY B 25 -22.83 24.72 9.14
C GLY B 25 -22.15 25.76 10.00
N TRP B 26 -21.38 25.32 10.99
CA TRP B 26 -20.69 26.25 11.88
C TRP B 26 -19.32 26.65 11.38
N THR B 27 -18.85 27.80 11.84
CA THR B 27 -17.55 28.32 11.47
C THR B 27 -16.67 28.21 12.69
N GLN B 28 -15.36 28.35 12.47
CA GLN B 28 -14.42 28.29 13.58
C GLN B 28 -14.65 29.46 14.52
N SER B 29 -15.16 30.56 13.99
CA SER B 29 -15.42 31.76 14.78
C SER B 29 -16.56 31.64 15.78
N GLU B 30 -17.73 31.21 15.31
CA GLU B 30 -18.86 31.11 16.23
C GLU B 30 -18.62 30.12 17.35
N LEU B 31 -17.96 29.01 17.03
CA LEU B 31 -17.66 28.01 18.05
C LEU B 31 -16.62 28.56 19.05
N ALA B 32 -15.58 29.21 18.53
CA ALA B 32 -14.53 29.74 19.40
C ALA B 32 -15.07 30.78 20.36
N LYS B 33 -16.03 31.60 19.93
CA LYS B 33 -16.59 32.64 20.80
C LYS B 33 -17.35 31.99 21.96
N LYS B 34 -18.17 31.00 21.62
CA LYS B 34 -18.98 30.27 22.59
C LYS B 34 -18.14 29.63 23.69
N ILE B 35 -17.01 29.02 23.33
CA ILE B 35 -16.17 28.34 24.31
C ILE B 35 -14.99 29.12 24.86
N GLY B 36 -14.87 30.40 24.50
CA GLY B 36 -13.77 31.19 25.02
C GLY B 36 -12.35 30.97 24.51
N ILE B 37 -12.20 30.54 23.26
CA ILE B 37 -10.86 30.37 22.70
C ILE B 37 -10.77 31.13 21.39
N LYS B 38 -9.53 31.29 20.92
CA LYS B 38 -9.26 31.98 19.68
C LYS B 38 -9.60 31.13 18.47
N GLN B 39 -10.00 31.79 17.40
CA GLN B 39 -10.33 31.09 16.17
C GLN B 39 -9.07 30.36 15.64
N ALA B 40 -7.89 30.93 15.88
CA ALA B 40 -6.65 30.31 15.44
C ALA B 40 -6.51 28.95 16.09
N THR B 41 -6.85 28.88 17.38
CA THR B 41 -6.77 27.61 18.10
C THR B 41 -7.59 26.53 17.41
N ILE B 42 -8.82 26.83 17.03
CA ILE B 42 -9.65 25.86 16.34
C ILE B 42 -8.96 25.45 15.03
N SER B 43 -8.41 26.42 14.32
CA SER B 43 -7.73 26.14 13.06
C SER B 43 -6.53 25.24 13.26
N ASN B 44 -5.77 25.48 14.33
CA ASN B 44 -4.60 24.66 14.59
C ASN B 44 -5.09 23.25 14.86
N PHE B 45 -6.10 23.15 15.71
CA PHE B 45 -6.67 21.86 16.04
C PHE B 45 -7.05 21.07 14.81
N GLU B 46 -7.71 21.73 13.86
CA GLU B 46 -8.12 21.01 12.68
C GLU B 46 -6.99 20.58 11.77
N ASN B 47 -5.91 21.34 11.72
CA ASN B 47 -4.81 20.95 10.85
C ASN B 47 -3.59 20.33 11.53
N ASN B 48 -3.40 20.61 12.81
CA ASN B 48 -2.27 20.07 13.54
C ASN B 48 -2.66 19.61 14.94
N PRO B 49 -3.61 18.68 15.03
CA PRO B 49 -4.08 18.17 16.31
C PRO B 49 -3.06 17.49 17.24
N ASP B 50 -1.94 17.03 16.70
CA ASP B 50 -0.97 16.34 17.55
C ASP B 50 -0.60 17.05 18.84
N ASN B 51 -0.10 18.26 18.72
CA ASN B 51 0.28 19.01 19.91
C ASN B 51 -0.85 19.95 20.31
N THR B 52 -2.04 19.40 20.57
CA THR B 52 -3.16 20.23 21.02
C THR B 52 -3.51 19.78 22.43
N THR B 53 -3.83 20.75 23.27
CA THR B 53 -4.18 20.51 24.66
C THR B 53 -5.51 19.77 24.80
N LEU B 54 -5.70 19.05 25.91
CA LEU B 54 -6.95 18.34 26.12
C LEU B 54 -8.10 19.28 26.48
N THR B 55 -7.86 20.31 27.30
CA THR B 55 -8.97 21.25 27.61
C THR B 55 -9.43 21.85 26.31
N THR B 56 -8.47 22.25 25.47
CA THR B 56 -8.83 22.82 24.19
C THR B 56 -9.75 21.82 23.52
N PHE B 57 -9.27 20.59 23.37
CA PHE B 57 -10.04 19.54 22.75
C PHE B 57 -11.45 19.40 23.32
N PHE B 58 -11.58 19.41 24.65
CA PHE B 58 -12.91 19.28 25.23
C PHE B 58 -13.79 20.53 25.06
N LYS B 59 -13.18 21.72 25.05
CA LYS B 59 -13.95 22.94 24.84
C LYS B 59 -14.55 22.89 23.42
N ILE B 60 -13.73 22.49 22.46
CA ILE B 60 -14.20 22.38 21.08
C ILE B 60 -15.26 21.27 20.98
N LEU B 61 -15.10 20.21 21.78
CA LEU B 61 -16.05 19.10 21.80
C LEU B 61 -17.39 19.62 22.32
N GLN B 62 -17.34 20.50 23.31
CA GLN B 62 -18.57 21.04 23.87
C GLN B 62 -19.26 21.98 22.89
N SER B 63 -18.47 22.78 22.17
CA SER B 63 -19.02 23.73 21.21
C SER B 63 -19.67 23.01 20.05
N LEU B 64 -19.31 21.75 19.85
CA LEU B 64 -19.88 20.97 18.74
C LEU B 64 -21.08 20.18 19.24
N GLU B 65 -21.46 20.39 20.48
CA GLU B 65 -22.59 19.69 21.07
C GLU B 65 -22.38 18.19 20.99
N LEU B 66 -21.14 17.79 21.25
CA LEU B 66 -20.70 16.40 21.21
C LEU B 66 -20.11 15.96 22.56
N SER B 67 -19.76 14.69 22.66
CA SER B 67 -19.15 14.14 23.84
C SER B 67 -18.32 12.95 23.37
N MET B 68 -17.50 12.40 24.25
CA MET B 68 -16.72 11.24 23.85
C MET B 68 -16.90 10.08 24.83
N THR B 69 -16.47 8.90 24.42
CA THR B 69 -16.59 7.72 25.25
C THR B 69 -15.47 6.75 24.95
N LEU B 70 -15.03 6.02 25.98
CA LEU B 70 -13.96 5.05 25.81
C LEU B 70 -14.59 3.70 25.42
N CYS B 71 -13.78 2.81 24.88
CA CYS B 71 -14.24 1.48 24.50
C CYS B 71 -13.04 0.64 24.12
N ASP B 72 -13.25 -0.66 23.94
CA ASP B 72 -12.16 -1.54 23.56
C ASP B 72 -11.90 -1.41 22.07
N ALA B 73 -10.69 -1.76 21.66
CA ALA B 73 -10.35 -1.70 20.25
C ALA B 73 -10.56 -3.08 19.64
N LYS B 74 -11.29 -3.94 20.36
CA LYS B 74 -11.56 -5.30 19.93
C LYS B 74 -10.25 -6.07 19.83
#